data_5EHC
#
_entry.id   5EHC
#
_cell.length_a   38.489
_cell.length_b   52.177
_cell.length_c   125.698
_cell.angle_alpha   90.000
_cell.angle_beta   90.000
_cell.angle_gamma   90.000
#
_symmetry.space_group_name_H-M   'P 21 2 21'
#
loop_
_entity.id
_entity.type
_entity.pdbx_description
1 polymer 'Eukaryotic translation initiation factor 4E'
2 polymer 'Eukaryotic translation initiation factor 4 gamma 1'
3 non-polymer 3-[[(2~{R},3~{S},4~{R},5~{R})-5-[2-azanyl-7-[(3-chlorophenyl)methyl]-6-oxidanylidene-1~{H}-purin-7-ium-9-yl]-3,4-bis(oxidanyl)oxolan-2-yl]methylamino]-4-oxidanyl-cyclobut-3-ene-1,2-dione
4 water water
#
loop_
_entity_poly.entity_id
_entity_poly.type
_entity_poly.pdbx_seq_one_letter_code
_entity_poly.pdbx_strand_id
1 'polypeptide(L)'
;MATVEPETTPTPNPPTTEEEKTESNQEVANPEHYIKHPLQNRWALWFFKNDKSKTWQANLRLISKFDTVEDFWALYNHIQ
LSSNLMPGCDYSLFKDGIEPMWEDEKNKRGGRWLITLNKQQRRSDLDRFWLETLLCLIGESFDDYSDDVCGAVVNVRAKG
DKIAIWTTECENREAVTHIGRVYKERLGLPPKIVIGYQSHADTATKSGSTTKNRFVV
;
A
2 'polypeptide(L)' KKRYDREFLLGFQF B
#
loop_
_chem_comp.id
_chem_comp.type
_chem_comp.name
_chem_comp.formula
5NX non-polymer 3-[[(2~{R},3~{S},4~{R},5~{R})-5-[2-azanyl-7-[(3-chlorophenyl)methyl]-6-oxidanylidene-1~{H}-purin-7-ium-9-yl]-3,4-bis(oxidanyl)oxolan-2-yl]methylamino]-4-oxidanyl-cyclobut-3-ene-1,2-dione 'C21 H20 Cl N6 O7 1'
#
# COMPACT_ATOMS: atom_id res chain seq x y z
N GLU A 27 32.08 -21.64 18.06
CA GLU A 27 32.12 -20.73 16.92
C GLU A 27 31.04 -21.09 15.88
N VAL A 28 30.40 -20.07 15.37
CA VAL A 28 29.10 -20.20 14.74
C VAL A 28 29.15 -19.47 13.40
N ALA A 29 28.25 -19.82 12.51
CA ALA A 29 28.25 -19.26 11.16
C ALA A 29 27.82 -17.79 11.16
N ASN A 30 28.42 -17.00 10.28
CA ASN A 30 28.04 -15.58 10.17
C ASN A 30 26.63 -15.42 9.61
N PRO A 31 25.70 -14.82 10.36
CA PRO A 31 24.30 -14.79 9.91
C PRO A 31 24.06 -14.12 8.56
N GLU A 32 24.99 -13.27 8.12
CA GLU A 32 24.75 -12.48 6.92
C GLU A 32 24.92 -13.27 5.66
N HIS A 33 25.58 -14.44 5.76
CA HIS A 33 25.71 -15.33 4.62
C HIS A 33 24.48 -16.18 4.37
N TYR A 34 23.60 -16.35 5.35
CA TYR A 34 22.50 -17.28 5.18
C TYR A 34 21.11 -16.83 5.63
N ILE A 35 21.01 -15.83 6.50
CA ILE A 35 19.66 -15.47 6.95
C ILE A 35 18.95 -14.67 5.85
N LYS A 36 17.65 -14.91 5.75
CA LYS A 36 16.77 -14.02 5.02
C LYS A 36 16.72 -12.67 5.75
N HIS A 37 16.54 -11.58 4.99
CA HIS A 37 16.54 -10.22 5.51
C HIS A 37 15.19 -9.87 6.12
N PRO A 38 15.11 -9.67 7.43
CA PRO A 38 13.79 -9.54 8.08
C PRO A 38 13.19 -8.15 7.91
N LEU A 39 11.87 -8.13 7.70
CA LEU A 39 11.16 -6.88 7.68
C LEU A 39 10.77 -6.47 9.10
N GLN A 40 10.49 -5.17 9.25
CA GLN A 40 10.01 -4.66 10.52
C GLN A 40 8.70 -5.31 10.91
N ASN A 41 7.83 -5.54 9.93
CA ASN A 41 6.48 -6.02 10.15
C ASN A 41 6.23 -7.24 9.27
N ARG A 42 5.32 -8.09 9.73
CA ARG A 42 4.69 -9.05 8.85
C ARG A 42 3.65 -8.31 8.03
N TRP A 43 3.52 -8.69 6.76
CA TRP A 43 2.55 -8.08 5.86
C TRP A 43 1.70 -9.14 5.19
N ALA A 44 0.47 -8.77 4.88
CA ALA A 44 -0.51 -9.63 4.24
C ALA A 44 -0.97 -8.99 2.94
N LEU A 45 -0.93 -9.76 1.85
CA LEU A 45 -1.48 -9.35 0.57
C LEU A 45 -2.88 -9.94 0.39
N TRP A 46 -3.84 -9.09 0.07
CA TRP A 46 -5.22 -9.48 -0.12
C TRP A 46 -5.59 -9.28 -1.59
N PHE A 47 -6.65 -9.97 -2.01
CA PHE A 47 -7.17 -9.87 -3.36
C PHE A 47 -8.66 -9.68 -3.34
N PHE A 48 -9.14 -8.75 -4.16
CA PHE A 48 -10.58 -8.53 -4.31
C PHE A 48 -10.97 -8.99 -5.72
N LYS A 49 -11.89 -9.95 -5.80
CA LYS A 49 -12.43 -10.44 -7.05
C LYS A 49 -13.74 -9.73 -7.37
N ASN A 50 -13.85 -9.20 -8.59
CA ASN A 50 -15.06 -8.50 -9.05
C ASN A 50 -16.14 -9.53 -9.36
N ASP A 51 -17.07 -9.74 -8.44
CA ASP A 51 -18.17 -10.70 -8.64
C ASP A 51 -19.46 -10.14 -8.05
N LYS A 52 -20.41 -9.75 -8.92
CA LYS A 52 -21.66 -9.16 -8.44
C LYS A 52 -22.61 -10.19 -7.80
N SER A 53 -22.38 -11.49 -8.02
CA SER A 53 -23.21 -12.50 -7.38
C SER A 53 -22.82 -12.73 -5.92
N LYS A 54 -21.56 -12.46 -5.56
CA LYS A 54 -21.09 -12.58 -4.20
C LYS A 54 -21.12 -11.20 -3.53
N THR A 55 -20.87 -11.18 -2.22
CA THR A 55 -20.88 -9.94 -1.46
C THR A 55 -19.49 -9.29 -1.49
N TRP A 56 -19.38 -8.06 -0.98
CA TRP A 56 -18.06 -7.45 -0.84
C TRP A 56 -17.19 -8.26 0.11
N GLN A 57 -17.73 -8.58 1.28
CA GLN A 57 -16.98 -9.36 2.26
C GLN A 57 -16.45 -10.66 1.65
N ALA A 58 -17.25 -11.33 0.82
CA ALA A 58 -16.83 -12.64 0.32
C ALA A 58 -15.97 -12.56 -0.94
N ASN A 59 -15.90 -11.39 -1.59
CA ASN A 59 -14.96 -11.22 -2.69
C ASN A 59 -13.56 -10.88 -2.21
N LEU A 60 -13.41 -10.49 -0.94
CA LEU A 60 -12.12 -10.09 -0.37
C LEU A 60 -11.51 -11.29 0.35
N ARG A 61 -10.32 -11.70 -0.10
CA ARG A 61 -9.70 -12.94 0.32
C ARG A 61 -8.22 -12.78 0.45
N LEU A 62 -7.66 -13.45 1.45
CA LEU A 62 -6.21 -13.44 1.67
C LEU A 62 -5.48 -14.26 0.63
N ILE A 63 -4.35 -13.72 0.16
CA ILE A 63 -3.41 -14.45 -0.66
C ILE A 63 -2.37 -15.14 0.22
N SER A 64 -1.39 -14.40 0.76
CA SER A 64 -0.39 -14.94 1.70
C SER A 64 0.29 -13.80 2.46
N LYS A 65 1.09 -14.20 3.46
CA LYS A 65 1.84 -13.32 4.36
C LYS A 65 3.35 -13.48 4.16
N PHE A 66 4.09 -12.42 4.48
CA PHE A 66 5.54 -12.47 4.41
C PHE A 66 6.15 -11.49 5.43
N ASP A 67 7.38 -11.75 5.84
CA ASP A 67 8.04 -10.90 6.83
C ASP A 67 9.52 -10.62 6.52
N THR A 68 9.97 -11.04 5.34
CA THR A 68 11.33 -10.84 4.90
C THR A 68 11.31 -10.29 3.48
N VAL A 69 12.42 -9.69 3.08
CA VAL A 69 12.55 -9.15 1.73
C VAL A 69 12.44 -10.28 0.71
N GLU A 70 13.00 -11.46 1.02
CA GLU A 70 13.08 -12.52 0.03
C GLU A 70 11.72 -13.14 -0.23
N ASP A 71 10.90 -13.29 0.82
CA ASP A 71 9.54 -13.80 0.63
C ASP A 71 8.62 -12.75 0.02
N PHE A 72 8.93 -11.47 0.20
CA PHE A 72 8.15 -10.45 -0.49
C PHE A 72 8.32 -10.59 -2.00
N TRP A 73 9.55 -10.79 -2.45
CA TRP A 73 9.77 -10.89 -3.89
C TRP A 73 9.28 -12.22 -4.42
N ALA A 74 9.33 -13.28 -3.62
CA ALA A 74 8.79 -14.56 -4.07
C ALA A 74 7.31 -14.46 -4.37
N LEU A 75 6.59 -13.64 -3.61
CA LEU A 75 5.17 -13.44 -3.86
C LEU A 75 4.92 -12.39 -4.97
N TYR A 76 5.70 -11.30 -4.99
CA TYR A 76 5.47 -10.29 -6.03
C TYR A 76 5.78 -10.83 -7.42
N ASN A 77 6.82 -11.66 -7.53
CA ASN A 77 7.31 -12.07 -8.85
C ASN A 77 6.42 -13.08 -9.53
N HIS A 78 5.47 -13.72 -8.85
CA HIS A 78 4.63 -14.69 -9.52
C HIS A 78 3.18 -14.23 -9.67
N ILE A 79 2.83 -13.06 -9.17
CA ILE A 79 1.46 -12.59 -9.27
C ILE A 79 1.36 -11.58 -10.41
N GLN A 80 0.15 -11.41 -10.92
CA GLN A 80 -0.09 -10.47 -12.00
C GLN A 80 0.15 -9.03 -11.56
N LEU A 81 0.77 -8.25 -12.45
CA LEU A 81 0.71 -6.80 -12.33
C LEU A 81 -0.74 -6.31 -12.27
N SER A 82 -0.91 -5.20 -11.53
CA SER A 82 -2.19 -4.52 -11.43
C SER A 82 -2.77 -4.16 -12.79
N SER A 83 -1.94 -3.65 -13.71
CA SER A 83 -2.44 -3.24 -15.03
C SER A 83 -2.99 -4.41 -15.86
N ASN A 84 -2.67 -5.66 -15.50
CA ASN A 84 -3.19 -6.83 -16.21
C ASN A 84 -4.40 -7.45 -15.54
N LEU A 85 -4.84 -6.91 -14.41
CA LEU A 85 -6.02 -7.41 -13.73
C LEU A 85 -7.32 -7.02 -14.47
N MET A 86 -8.37 -7.80 -14.21
CA MET A 86 -9.69 -7.53 -14.75
C MET A 86 -10.35 -6.36 -14.04
N PRO A 87 -11.20 -5.61 -14.74
CA PRO A 87 -11.88 -4.46 -14.13
C PRO A 87 -12.61 -4.82 -12.84
N GLY A 88 -12.35 -4.05 -11.80
CA GLY A 88 -13.05 -4.22 -10.53
C GLY A 88 -12.27 -4.93 -9.45
N CYS A 89 -11.03 -5.31 -9.72
CA CYS A 89 -10.22 -6.08 -8.80
C CYS A 89 -9.27 -5.18 -8.01
N ASP A 90 -8.84 -5.67 -6.87
CA ASP A 90 -7.92 -4.91 -6.07
C ASP A 90 -6.89 -5.81 -5.45
N TYR A 91 -5.69 -5.25 -5.28
CA TYR A 91 -4.70 -5.77 -4.37
C TYR A 91 -4.76 -4.89 -3.13
N SER A 92 -4.54 -5.51 -1.96
CA SER A 92 -4.45 -4.82 -0.68
C SER A 92 -3.28 -5.41 0.13
N LEU A 93 -2.39 -4.54 0.59
CA LEU A 93 -1.28 -4.96 1.42
C LEU A 93 -1.41 -4.26 2.77
N PHE A 94 -1.67 -5.04 3.84
CA PHE A 94 -1.90 -4.53 5.19
C PHE A 94 -1.04 -5.27 6.21
N LYS A 95 -0.70 -4.56 7.30
CA LYS A 95 0.00 -5.18 8.42
C LYS A 95 -0.77 -6.38 8.94
N ASP A 96 -0.04 -7.46 9.20
CA ASP A 96 -0.60 -8.67 9.79
C ASP A 96 -1.45 -8.25 10.98
N GLY A 97 -2.71 -8.69 10.97
CA GLY A 97 -3.66 -8.34 11.99
C GLY A 97 -4.67 -7.30 11.63
N ILE A 98 -4.43 -6.54 10.56
CA ILE A 98 -5.34 -5.48 10.15
C ILE A 98 -6.03 -5.92 8.87
N GLU A 99 -7.37 -6.04 8.91
CA GLU A 99 -8.10 -6.37 7.71
C GLU A 99 -8.23 -5.15 6.80
N PRO A 100 -8.25 -5.35 5.45
CA PRO A 100 -8.28 -4.25 4.48
C PRO A 100 -9.68 -3.70 4.25
N MET A 101 -10.37 -3.42 5.34
CA MET A 101 -11.70 -2.84 5.33
C MET A 101 -11.72 -1.76 6.40
N TRP A 102 -12.55 -0.74 6.19
CA TRP A 102 -12.44 0.44 7.02
C TRP A 102 -12.99 0.22 8.42
N GLU A 103 -13.93 -0.71 8.55
CA GLU A 103 -14.53 -1.05 9.83
C GLU A 103 -13.61 -1.82 10.79
N ASP A 104 -12.36 -2.05 10.40
CA ASP A 104 -11.36 -2.67 11.27
C ASP A 104 -10.91 -1.71 12.37
N GLU A 105 -10.51 -2.28 13.50
CA GLU A 105 -10.25 -1.48 14.68
C GLU A 105 -9.15 -0.45 14.41
N LYS A 106 -8.19 -0.81 13.58
CA LYS A 106 -7.07 0.07 13.30
C LYS A 106 -7.31 0.97 12.11
N ASN A 107 -8.47 0.83 11.43
CA ASN A 107 -8.82 1.66 10.28
C ASN A 107 -9.97 2.65 10.53
N LYS A 108 -10.81 2.43 11.54
CA LYS A 108 -12.08 3.12 11.56
C LYS A 108 -11.95 4.59 11.92
N ARG A 109 -10.89 5.00 12.61
CA ARG A 109 -10.68 6.41 12.93
C ARG A 109 -9.73 7.10 11.96
N GLY A 110 -9.35 6.43 10.88
CA GLY A 110 -8.38 7.00 9.96
C GLY A 110 -8.94 7.32 8.60
N GLY A 111 -8.07 7.33 7.61
CA GLY A 111 -8.47 7.53 6.23
C GLY A 111 -7.31 7.17 5.32
N ARG A 112 -7.29 7.78 4.15
CA ARG A 112 -6.39 7.33 3.11
C ARG A 112 -5.91 8.51 2.28
N TRP A 113 -4.63 8.50 1.94
CA TRP A 113 -4.12 9.39 0.92
C TRP A 113 -4.52 8.80 -0.43
N LEU A 114 -5.41 9.49 -1.16
CA LEU A 114 -5.94 8.96 -2.41
C LEU A 114 -5.27 9.59 -3.62
N ILE A 115 -4.83 8.74 -4.55
CA ILE A 115 -4.30 9.16 -5.83
C ILE A 115 -5.22 8.63 -6.92
N THR A 116 -5.77 9.52 -7.72
CA THR A 116 -6.61 9.15 -8.85
C THR A 116 -5.79 9.27 -10.13
N LEU A 117 -5.85 8.23 -10.95
CA LEU A 117 -5.07 8.15 -12.18
C LEU A 117 -5.99 8.21 -13.39
N ASN A 118 -5.58 8.96 -14.41
CA ASN A 118 -6.38 8.93 -15.63
C ASN A 118 -6.17 7.60 -16.33
N LYS A 119 -6.96 7.39 -17.40
CA LYS A 119 -6.91 6.10 -18.09
C LYS A 119 -5.57 5.90 -18.77
N GLN A 120 -4.92 6.98 -19.22
CA GLN A 120 -3.64 6.83 -19.91
C GLN A 120 -2.53 6.43 -18.95
N GLN A 121 -2.72 6.69 -17.65
CA GLN A 121 -1.76 6.36 -16.62
C GLN A 121 -1.70 4.86 -16.36
N ARG A 122 -2.75 4.15 -16.71
CA ARG A 122 -2.78 2.69 -16.56
C ARG A 122 -1.55 2.06 -17.24
N ARG A 123 -1.21 2.50 -18.45
CA ARG A 123 -0.08 1.90 -19.15
C ARG A 123 1.26 2.37 -18.58
N SER A 124 1.32 3.59 -18.07
CA SER A 124 2.62 4.21 -17.81
C SER A 124 2.98 4.31 -16.33
N ASP A 125 2.02 4.46 -15.42
CA ASP A 125 2.36 4.69 -14.01
C ASP A 125 1.81 3.67 -13.02
N LEU A 126 0.66 3.03 -13.32
CA LEU A 126 -0.01 2.17 -12.34
C LEU A 126 0.95 1.17 -11.68
N ASP A 127 1.61 0.34 -12.48
CA ASP A 127 2.48 -0.68 -11.91
C ASP A 127 3.68 -0.06 -11.19
N ARG A 128 4.22 1.03 -11.71
CA ARG A 128 5.40 1.61 -11.07
C ARG A 128 5.04 2.27 -9.74
N PHE A 129 3.88 2.95 -9.69
CA PHE A 129 3.40 3.57 -8.46
C PHE A 129 3.10 2.51 -7.40
N TRP A 130 2.44 1.43 -7.79
CA TRP A 130 2.06 0.39 -6.83
C TRP A 130 3.29 -0.32 -6.26
N LEU A 131 4.27 -0.61 -7.10
CA LEU A 131 5.52 -1.15 -6.58
C LEU A 131 6.15 -0.18 -5.59
N GLU A 132 6.31 1.08 -5.99
CA GLU A 132 6.89 2.07 -5.08
C GLU A 132 6.12 2.11 -3.77
N THR A 133 4.80 1.97 -3.84
CA THR A 133 3.96 1.98 -2.64
C THR A 133 4.27 0.78 -1.76
N LEU A 134 4.38 -0.41 -2.37
CA LEU A 134 4.80 -1.58 -1.62
C LEU A 134 6.14 -1.34 -0.94
N LEU A 135 7.10 -0.75 -1.66
CA LEU A 135 8.43 -0.56 -1.09
C LEU A 135 8.40 0.40 0.11
N CYS A 136 7.56 1.44 0.05
CA CYS A 136 7.43 2.38 1.16
C CYS A 136 6.92 1.68 2.42
N LEU A 137 5.87 0.87 2.29
CA LEU A 137 5.36 0.12 3.43
C LEU A 137 6.42 -0.82 3.98
N ILE A 138 6.92 -1.74 3.15
CA ILE A 138 7.72 -2.81 3.75
C ILE A 138 9.06 -2.29 4.20
N GLY A 139 9.62 -1.31 3.50
CA GLY A 139 10.82 -0.63 3.91
C GLY A 139 10.66 0.43 5.00
N GLU A 140 9.43 0.70 5.48
CA GLU A 140 9.19 1.65 6.57
C GLU A 140 9.77 3.03 6.26
N SER A 141 9.28 3.62 5.18
CA SER A 141 9.87 4.83 4.65
C SER A 141 9.34 6.09 5.32
N PHE A 142 8.43 5.95 6.27
CA PHE A 142 7.84 7.11 6.92
C PHE A 142 8.39 7.33 8.32
N ASP A 143 9.56 6.77 8.60
CA ASP A 143 10.32 7.07 9.82
C ASP A 143 9.43 6.75 11.01
N ASP A 144 9.28 7.66 11.98
CA ASP A 144 8.57 7.33 13.21
C ASP A 144 7.07 7.35 13.02
N TYR A 145 6.59 7.91 11.93
CA TYR A 145 5.17 7.85 11.64
C TYR A 145 4.77 6.55 10.93
N SER A 146 5.68 5.59 10.82
CA SER A 146 5.36 4.33 10.17
C SER A 146 4.39 3.48 10.98
N ASP A 147 4.32 3.64 12.30
CA ASP A 147 3.31 2.93 13.09
C ASP A 147 1.89 3.42 12.79
N ASP A 148 1.75 4.58 12.19
CA ASP A 148 0.46 5.08 11.75
C ASP A 148 -0.02 4.45 10.45
N VAL A 149 0.89 3.88 9.66
CA VAL A 149 0.51 3.21 8.42
C VAL A 149 -0.23 1.91 8.75
N CYS A 150 -1.36 1.69 8.08
CA CYS A 150 -2.10 0.43 8.16
C CYS A 150 -1.84 -0.49 6.96
N GLY A 151 -1.77 0.08 5.76
CA GLY A 151 -1.75 -0.70 4.54
C GLY A 151 -2.00 0.15 3.30
N ALA A 152 -2.07 -0.51 2.15
CA ALA A 152 -2.30 0.21 0.91
C ALA A 152 -3.18 -0.62 -0.03
N VAL A 153 -3.98 0.05 -0.84
CA VAL A 153 -4.91 -0.59 -1.76
C VAL A 153 -4.74 0.03 -3.14
N VAL A 154 -4.68 -0.81 -4.17
CA VAL A 154 -4.75 -0.38 -5.56
C VAL A 154 -6.07 -0.88 -6.13
N ASN A 155 -6.86 0.04 -6.70
CA ASN A 155 -8.13 -0.30 -7.35
C ASN A 155 -7.93 -0.23 -8.86
N VAL A 156 -8.21 -1.34 -9.54
CA VAL A 156 -8.19 -1.40 -11.00
C VAL A 156 -9.61 -1.14 -11.49
N ARG A 157 -9.82 0.04 -12.10
CA ARG A 157 -11.14 0.48 -12.55
C ARG A 157 -11.08 1.02 -13.97
N ALA A 158 -12.17 0.81 -14.71
CA ALA A 158 -12.21 1.30 -16.10
C ALA A 158 -12.29 2.81 -16.17
N LYS A 159 -12.93 3.47 -15.21
CA LYS A 159 -13.04 4.92 -15.21
C LYS A 159 -11.74 5.59 -14.78
N GLY A 160 -10.86 4.86 -14.11
CA GLY A 160 -9.64 5.43 -13.59
C GLY A 160 -9.14 4.63 -12.40
N ASP A 161 -7.89 4.18 -12.45
CA ASP A 161 -7.34 3.41 -11.35
C ASP A 161 -7.04 4.33 -10.18
N LYS A 162 -6.99 3.75 -8.97
CA LYS A 162 -6.70 4.51 -7.75
C LYS A 162 -5.74 3.73 -6.88
N ILE A 163 -4.78 4.43 -6.28
CA ILE A 163 -3.85 3.87 -5.32
C ILE A 163 -3.93 4.71 -4.04
N ALA A 164 -3.75 4.06 -2.90
CA ALA A 164 -4.03 4.72 -1.64
C ALA A 164 -3.25 4.06 -0.51
N ILE A 165 -2.83 4.88 0.44
CA ILE A 165 -2.20 4.41 1.68
C ILE A 165 -3.14 4.76 2.82
N TRP A 166 -3.46 3.76 3.63
CA TRP A 166 -4.42 3.93 4.73
C TRP A 166 -3.69 4.22 6.04
N THR A 167 -4.25 5.17 6.79
CA THR A 167 -3.76 5.71 8.05
C THR A 167 -4.73 5.38 9.17
N THR A 168 -4.18 5.18 10.39
CA THR A 168 -5.00 4.70 11.51
C THR A 168 -5.78 5.82 12.22
N GLU A 169 -5.34 7.08 12.13
CA GLU A 169 -6.03 8.17 12.82
C GLU A 169 -5.95 9.44 11.98
N CYS A 170 -7.11 9.96 11.57
CA CYS A 170 -7.15 11.15 10.72
C CYS A 170 -6.94 12.45 11.49
N GLU A 171 -7.05 12.41 12.82
CA GLU A 171 -6.82 13.60 13.61
C GLU A 171 -5.36 13.74 14.05
N ASN A 172 -4.47 12.85 13.60
CA ASN A 172 -3.03 12.98 13.87
C ASN A 172 -2.38 13.77 12.74
N ARG A 173 -2.50 15.11 12.84
CA ARG A 173 -2.14 15.97 11.72
C ARG A 173 -0.70 15.75 11.28
N GLU A 174 0.22 15.71 12.24
CA GLU A 174 1.61 15.68 11.82
C GLU A 174 1.98 14.33 11.20
N ALA A 175 1.44 13.22 11.71
CA ALA A 175 1.70 11.92 11.09
C ALA A 175 1.14 11.85 9.66
N VAL A 176 -0.14 12.24 9.51
CA VAL A 176 -0.77 12.19 8.20
C VAL A 176 -0.04 13.11 7.22
N THR A 177 0.33 14.31 7.66
CA THR A 177 0.99 15.26 6.77
C THR A 177 2.34 14.74 6.31
N HIS A 178 3.11 14.19 7.23
CA HIS A 178 4.41 13.64 6.86
C HIS A 178 4.25 12.48 5.88
N ILE A 179 3.28 11.59 6.13
CA ILE A 179 3.12 10.43 5.25
C ILE A 179 2.76 10.89 3.85
N GLY A 180 1.82 11.84 3.75
CA GLY A 180 1.40 12.32 2.45
C GLY A 180 2.55 12.92 1.66
N ARG A 181 3.36 13.75 2.31
CA ARG A 181 4.43 14.45 1.60
C ARG A 181 5.52 13.48 1.13
N VAL A 182 6.03 12.63 2.03
CA VAL A 182 7.02 11.64 1.66
C VAL A 182 6.51 10.74 0.53
N TYR A 183 5.24 10.31 0.61
CA TYR A 183 4.66 9.44 -0.41
C TYR A 183 4.65 10.13 -1.77
N LYS A 184 4.26 11.40 -1.81
CA LYS A 184 4.12 12.10 -3.08
C LYS A 184 5.46 12.28 -3.79
N GLU A 185 6.52 12.51 -3.04
CA GLU A 185 7.82 12.66 -3.69
C GLU A 185 8.44 11.32 -3.99
N ARG A 186 8.10 10.27 -3.23
CA ARG A 186 8.56 8.92 -3.58
C ARG A 186 7.97 8.48 -4.92
N LEU A 187 6.70 8.82 -5.17
CA LEU A 187 6.12 8.48 -6.45
C LEU A 187 6.66 9.33 -7.59
N GLY A 188 7.34 10.43 -7.30
CA GLY A 188 7.79 11.32 -8.36
C GLY A 188 6.72 12.24 -8.90
N LEU A 189 5.68 12.51 -8.14
CA LEU A 189 4.60 13.37 -8.62
C LEU A 189 5.09 14.82 -8.70
N PRO A 190 4.71 15.56 -9.75
CA PRO A 190 5.13 16.96 -9.83
C PRO A 190 4.50 17.76 -8.69
N PRO A 191 5.21 18.78 -8.21
CA PRO A 191 4.64 19.64 -7.15
C PRO A 191 3.27 20.21 -7.46
N LYS A 192 2.94 20.50 -8.72
CA LYS A 192 1.64 21.08 -9.01
C LYS A 192 0.50 20.09 -8.85
N ILE A 193 0.80 18.79 -8.87
CA ILE A 193 -0.24 17.77 -8.73
C ILE A 193 -0.57 17.60 -7.24
N VAL A 194 -1.83 17.83 -6.89
CA VAL A 194 -2.29 17.81 -5.51
C VAL A 194 -3.01 16.50 -5.26
N ILE A 195 -2.64 15.80 -4.19
CA ILE A 195 -3.36 14.62 -3.73
C ILE A 195 -4.04 14.94 -2.41
N GLY A 196 -5.18 14.29 -2.17
CA GLY A 196 -5.96 14.54 -0.98
C GLY A 196 -6.06 13.36 -0.04
N TYR A 197 -6.34 13.65 1.23
CA TYR A 197 -6.49 12.64 2.28
C TYR A 197 -7.93 12.70 2.76
N GLN A 198 -8.65 11.60 2.62
CA GLN A 198 -10.07 11.61 2.91
C GLN A 198 -10.38 10.58 3.99
N SER A 199 -11.12 11.02 5.01
CA SER A 199 -11.47 10.18 6.16
C SER A 199 -12.47 9.10 5.77
N HIS A 200 -12.23 7.88 6.28
CA HIS A 200 -13.15 6.77 6.03
C HIS A 200 -14.56 7.05 6.54
N ALA A 201 -14.68 7.69 7.70
CA ALA A 201 -15.99 7.98 8.24
C ALA A 201 -16.74 8.98 7.37
N ASP A 202 -16.04 9.94 6.74
CA ASP A 202 -16.72 10.84 5.84
C ASP A 202 -17.10 10.14 4.54
N THR A 203 -16.20 9.31 4.01
CA THR A 203 -16.54 8.50 2.84
C THR A 203 -17.79 7.65 3.12
N ALA A 204 -17.82 6.96 4.25
CA ALA A 204 -19.02 6.26 4.67
C ALA A 204 -20.05 7.25 5.25
N THR A 210 -18.45 11.91 -3.78
CA THR A 210 -18.14 13.29 -3.42
C THR A 210 -17.63 13.41 -1.98
N THR A 211 -16.32 13.24 -1.75
CA THR A 211 -15.75 13.23 -0.42
C THR A 211 -14.75 14.37 -0.27
N LYS A 212 -14.85 15.12 0.82
CA LYS A 212 -13.94 16.24 1.04
C LYS A 212 -12.61 15.76 1.60
N ASN A 213 -11.58 16.56 1.36
CA ASN A 213 -10.23 16.26 1.78
C ASN A 213 -9.94 16.96 3.10
N ARG A 214 -9.48 16.19 4.08
CA ARG A 214 -9.03 16.78 5.33
C ARG A 214 -7.66 17.43 5.18
N PHE A 215 -6.81 16.89 4.32
CA PHE A 215 -5.45 17.35 4.12
C PHE A 215 -5.11 17.21 2.64
N VAL A 216 -4.17 18.04 2.19
CA VAL A 216 -3.68 18.01 0.82
C VAL A 216 -2.19 18.33 0.84
N VAL A 217 -1.43 17.76 -0.10
CA VAL A 217 0.01 18.06 -0.24
C VAL A 217 0.40 18.26 -1.71
N LYS B 1 12.56 0.38 13.32
CA LYS B 1 13.90 -0.12 13.59
C LYS B 1 14.55 -0.74 12.34
N LYS B 2 13.81 -1.57 11.63
CA LYS B 2 14.30 -2.21 10.41
C LYS B 2 13.85 -1.38 9.22
N ARG B 3 14.77 -0.60 8.66
CA ARG B 3 14.44 0.33 7.59
C ARG B 3 15.29 0.03 6.35
N TYR B 4 14.67 0.10 5.19
CA TYR B 4 15.33 -0.36 3.96
C TYR B 4 15.17 0.66 2.84
N ASP B 5 16.28 0.94 2.14
CA ASP B 5 16.27 1.80 0.97
C ASP B 5 15.66 1.08 -0.22
N ARG B 6 15.01 1.85 -1.10
CA ARG B 6 14.33 1.27 -2.24
C ARG B 6 15.30 0.49 -3.13
N GLU B 7 16.50 1.05 -3.33
CA GLU B 7 17.49 0.43 -4.21
C GLU B 7 18.07 -0.83 -3.60
N PHE B 8 18.08 -0.92 -2.27
CA PHE B 8 18.51 -2.12 -1.58
C PHE B 8 17.46 -3.24 -1.71
N LEU B 9 16.18 -2.87 -1.61
CA LEU B 9 15.11 -3.85 -1.79
C LEU B 9 15.08 -4.35 -3.24
N LEU B 10 15.17 -3.41 -4.19
CA LEU B 10 15.09 -3.78 -5.59
C LEU B 10 16.22 -4.69 -6.05
N GLY B 11 17.32 -4.78 -5.28
CA GLY B 11 18.41 -5.69 -5.59
C GLY B 11 18.18 -7.16 -5.27
N PHE B 12 17.13 -7.48 -4.53
CA PHE B 12 16.81 -8.86 -4.23
C PHE B 12 15.71 -9.41 -5.10
N GLN B 13 15.19 -8.61 -6.04
CA GLN B 13 14.10 -9.06 -6.89
C GLN B 13 14.51 -10.18 -7.82
N PHE B 14 15.75 -10.16 -8.30
CA PHE B 14 16.26 -11.28 -9.10
C PHE B 14 17.51 -11.87 -8.48
C4 5NX C . -17.09 -2.00 1.71
C5 5NX C . -15.89 -1.50 2.13
C6 5NX C . -15.50 -1.70 3.40
C8 5NX C . -16.18 -0.96 0.06
N1 5NX C . -16.32 -2.40 4.31
N2 5NX C . -18.33 -3.62 4.64
N3 5NX C . -17.87 -2.69 2.56
CAL 5NX C . -15.12 1.93 1.75
CAU 5NX C . -15.03 3.23 2.23
CL 5NX C . -16.47 4.14 2.49
CAJ 5NX C . -13.79 3.79 2.51
CAI 5NX C . -12.62 3.06 2.31
CAK 5NX C . -12.72 1.76 1.82
CAV 5NX C . -13.96 1.19 1.55
CAO 5NX C . -14.00 -0.14 1.06
N7 5NX C . -15.35 -0.85 1.10
O6 5NX C . -14.42 -1.25 3.78
C2 5NX C . -17.52 -2.95 3.83
N9 5NX C . -17.25 -1.69 0.41
CBG 5NX C . -18.44 -1.96 -0.45
OAS 5NX C . -18.29 -1.53 -1.84
CBE 5NX C . -19.55 -1.02 0.01
OAG 5NX C . -20.80 -1.50 -0.47
CBD 5NX C . -19.20 0.28 -0.71
OAF 5NX C . -20.34 1.14 -0.73
CBF 5NX C . -18.92 -0.24 -2.11
CAN 5NX C . -18.04 0.74 -2.96
NAQ 5NX C . -16.75 0.10 -3.32
CAX 5NX C . -15.95 0.47 -4.32
CBA 5NX C . -15.30 -0.21 -5.34
OAD 5NX C . -15.21 -1.40 -5.66
CAZ 5NX C . -14.80 0.98 -5.82
OAC 5NX C . -14.07 1.30 -6.76
CAW 5NX C . -15.45 1.67 -4.81
OAE 5NX C . -15.56 2.99 -4.44
#